data_7RUO
#
_entry.id   7RUO
#
_cell.length_a   58.327
_cell.length_b   59.085
_cell.length_c   61.868
_cell.angle_alpha   90.110
_cell.angle_beta   66.820
_cell.angle_gamma   62.870
#
_symmetry.space_group_name_H-M   'P 1'
#
loop_
_entity.id
_entity.type
_entity.pdbx_description
1 polymer 'U3 small nucleolar RNA-associated protein 15 homolog'
2 non-polymer 'UNKNOWN ATOM OR ION'
3 water water
#
_entity_poly.entity_id   1
_entity_poly.type   'polypeptide(L)'
_entity_poly.pdbx_seq_one_letter_code
;MHHHHHHSSGRENLYFQGMAGYKPVAIQTYPILGEKITQDTLYWNNYKTPVQIKEFGAVSKVDFSPQPPYNYAVTASSRI
HIYGRYSQEPIKTFSRFKDTAYCATFRQDGRLLVAGSEDGGVQLFDISGRAPLRQFEGHTKAVHTVDFTADKYHVVSGAD
DYTVKLWDIPNSKEILTFKEHSDYVRCGCASKLNPDLFITGSYDHTVKMFDARTSESVLSVEHGQPVESVLLFPSGGLLV
SAGGRYVKVWDMLKGGQLLVSLKNHHKTVTCLCLSSSGQRLLSGSLDRKVKVYSTTSYKVVHSFDYAASILSLALAHEDE
TIVVGMTNGILSVKHRKSEAKKESLPRRRRPAYRTFIKGKNYMKQRDDILINRPAKKHLELYDRDLKH
;
_entity_poly.pdbx_strand_id   A,B
#
# COMPACT_ATOMS: atom_id res chain seq x y z
N ILE A 37 -12.16 -3.99 11.41
CA ILE A 37 -11.43 -2.93 10.64
C ILE A 37 -11.18 -1.73 11.58
N THR A 38 -9.92 -1.41 11.86
CA THR A 38 -9.55 -0.38 12.86
C THR A 38 -9.95 1.01 12.35
N GLN A 39 -10.20 1.95 13.27
CA GLN A 39 -10.47 3.38 12.99
C GLN A 39 -9.30 3.98 12.19
N ASP A 40 -8.06 3.53 12.43
CA ASP A 40 -6.86 4.02 11.71
C ASP A 40 -6.88 3.55 10.24
N THR A 41 -7.19 2.28 9.98
CA THR A 41 -7.29 1.75 8.59
C THR A 41 -8.38 2.53 7.86
N LEU A 42 -9.48 2.84 8.55
CA LEU A 42 -10.63 3.60 8.00
C LEU A 42 -10.16 5.02 7.64
N TYR A 43 -9.40 5.67 8.52
CA TYR A 43 -8.95 7.08 8.35
C TYR A 43 -8.00 7.17 7.16
N TRP A 44 -6.94 6.35 7.15
CA TRP A 44 -5.83 6.44 6.16
C TRP A 44 -6.22 5.82 4.80
N ASN A 45 -7.29 5.02 4.74
CA ASN A 45 -7.80 4.47 3.45
C ASN A 45 -8.80 5.44 2.82
N ASN A 46 -9.26 6.47 3.56
CA ASN A 46 -10.33 7.40 3.13
C ASN A 46 -9.79 8.43 2.11
N TYR A 47 -9.11 7.97 1.05
CA TYR A 47 -8.58 8.81 -0.05
C TYR A 47 -9.09 8.30 -1.40
N LYS A 48 -9.28 9.22 -2.34
CA LYS A 48 -9.63 8.94 -3.75
C LYS A 48 -8.46 8.28 -4.46
N THR A 49 -8.71 7.69 -5.63
CA THR A 49 -7.67 7.17 -6.55
C THR A 49 -6.56 8.21 -6.70
N PRO A 50 -5.28 7.81 -6.51
CA PRO A 50 -4.16 8.73 -6.69
C PRO A 50 -4.12 9.35 -8.09
N VAL A 51 -3.72 10.62 -8.15
CA VAL A 51 -3.34 11.35 -9.39
C VAL A 51 -1.81 11.35 -9.48
N GLN A 52 -1.27 10.77 -10.56
CA GLN A 52 0.17 10.71 -10.88
C GLN A 52 0.50 11.94 -11.76
N ILE A 53 1.52 12.71 -11.36
CA ILE A 53 2.03 13.89 -12.10
C ILE A 53 3.51 13.67 -12.38
N LYS A 54 3.93 13.91 -13.63
CA LYS A 54 5.34 13.77 -14.06
C LYS A 54 6.06 15.09 -13.75
N GLU A 55 7.15 15.03 -12.97
CA GLU A 55 8.04 16.18 -12.68
C GLU A 55 9.34 16.11 -13.51
N PHE A 56 9.61 15.02 -14.24
CA PHE A 56 10.77 14.93 -15.17
C PHE A 56 12.07 15.31 -14.44
N GLY A 57 12.18 14.88 -13.18
CA GLY A 57 13.36 14.95 -12.29
C GLY A 57 13.02 14.36 -10.93
N ALA A 58 13.96 13.69 -10.25
CA ALA A 58 13.73 13.08 -8.91
C ALA A 58 13.11 14.13 -7.99
N VAL A 59 12.01 13.82 -7.29
CA VAL A 59 11.28 14.80 -6.45
C VAL A 59 11.92 14.83 -5.07
N SER A 60 12.90 15.72 -4.85
CA SER A 60 13.74 15.70 -3.62
C SER A 60 12.98 16.31 -2.43
N LYS A 61 12.04 17.22 -2.64
CA LYS A 61 11.21 17.73 -1.51
C LYS A 61 9.81 18.10 -1.97
N VAL A 62 8.84 17.83 -1.10
CA VAL A 62 7.44 18.38 -1.17
C VAL A 62 7.14 19.02 0.17
N ASP A 63 6.53 20.22 0.14
CA ASP A 63 6.17 21.01 1.34
C ASP A 63 4.85 21.71 1.04
N PHE A 64 3.87 21.53 1.91
CA PHE A 64 2.58 22.28 1.86
C PHE A 64 2.78 23.62 2.54
N SER A 65 2.24 24.68 1.95
CA SER A 65 2.00 25.96 2.63
C SER A 65 1.04 25.74 3.79
N PRO A 66 1.37 26.29 4.98
CA PRO A 66 0.51 26.21 6.15
C PRO A 66 -0.69 27.19 6.06
N GLN A 67 -0.76 27.99 4.99
CA GLN A 67 -1.81 29.05 4.82
C GLN A 67 -2.71 28.70 3.64
N PRO A 68 -4.05 28.96 3.75
CA PRO A 68 -4.96 28.67 2.65
C PRO A 68 -4.51 29.34 1.34
N PRO A 69 -4.73 28.76 0.15
CA PRO A 69 -5.45 27.48 -0.03
C PRO A 69 -4.58 26.22 0.03
N TYR A 70 -3.49 26.27 0.79
CA TYR A 70 -2.58 25.11 1.03
C TYR A 70 -2.07 24.58 -0.31
N ASN A 71 -1.49 25.45 -1.12
CA ASN A 71 -0.65 25.04 -2.27
C ASN A 71 0.50 24.18 -1.74
N TYR A 72 1.13 23.37 -2.59
CA TYR A 72 2.39 22.67 -2.22
C TYR A 72 3.50 23.03 -3.22
N ALA A 73 4.72 23.13 -2.67
CA ALA A 73 5.96 23.41 -3.42
C ALA A 73 6.73 22.11 -3.66
N VAL A 74 7.09 21.87 -4.92
CA VAL A 74 7.82 20.63 -5.36
C VAL A 74 9.22 21.03 -5.81
N THR A 75 10.22 20.54 -5.09
CA THR A 75 11.65 20.69 -5.46
C THR A 75 12.04 19.49 -6.33
N ALA A 76 12.50 19.77 -7.55
CA ALA A 76 13.08 18.77 -8.47
C ALA A 76 14.03 19.48 -9.44
N SER A 77 15.15 18.85 -9.76
CA SER A 77 16.18 19.39 -10.67
C SER A 77 16.55 20.82 -10.19
N SER A 78 16.45 21.83 -11.05
CA SER A 78 16.94 23.20 -10.77
C SER A 78 15.79 24.19 -10.56
N ARG A 79 14.58 23.74 -10.22
N ARG A 79 14.58 23.73 -10.23
CA ARG A 79 13.43 24.66 -10.03
CA ARG A 79 13.43 24.65 -10.04
C ARG A 79 12.46 24.13 -8.97
C ARG A 79 12.46 24.13 -8.97
N ILE A 80 11.62 25.03 -8.49
CA ILE A 80 10.53 24.75 -7.52
C ILE A 80 9.23 24.99 -8.27
N HIS A 81 8.35 23.99 -8.32
CA HIS A 81 6.99 24.09 -8.89
C HIS A 81 5.98 24.24 -7.75
N ILE A 82 5.10 25.24 -7.85
CA ILE A 82 3.87 25.36 -7.02
C ILE A 82 2.71 24.67 -7.75
N TYR A 83 2.00 23.81 -7.04
CA TYR A 83 0.72 23.19 -7.48
C TYR A 83 -0.38 23.62 -6.51
N GLY A 84 -1.56 23.91 -7.04
CA GLY A 84 -2.80 23.91 -6.25
C GLY A 84 -3.19 22.48 -5.91
N ARG A 85 -3.98 22.25 -4.86
CA ARG A 85 -4.22 20.87 -4.36
C ARG A 85 -4.74 20.00 -5.52
N TYR A 86 -5.56 20.56 -6.42
CA TYR A 86 -6.20 19.81 -7.54
C TYR A 86 -5.52 20.12 -8.88
N SER A 87 -4.44 20.90 -8.89
CA SER A 87 -3.58 21.17 -10.07
C SER A 87 -2.96 19.87 -10.57
N GLN A 88 -2.94 19.67 -11.88
CA GLN A 88 -2.17 18.56 -12.52
C GLN A 88 -1.02 19.20 -13.30
N GLU A 89 -0.95 20.52 -13.31
CA GLU A 89 0.15 21.31 -13.94
C GLU A 89 0.55 22.43 -12.98
N PRO A 90 1.84 22.87 -12.90
CA PRO A 90 2.23 23.94 -11.97
C PRO A 90 1.53 25.28 -12.23
N ILE A 91 1.18 25.99 -11.15
CA ILE A 91 0.53 27.33 -11.21
C ILE A 91 1.58 28.43 -11.06
N LYS A 92 2.75 28.12 -10.50
CA LYS A 92 3.89 29.07 -10.40
C LYS A 92 5.20 28.27 -10.38
N THR A 93 6.31 28.88 -10.80
CA THR A 93 7.68 28.31 -10.76
C THR A 93 8.62 29.33 -10.09
N PHE A 94 9.48 28.85 -9.19
CA PHE A 94 10.57 29.66 -8.56
C PHE A 94 11.89 28.96 -8.84
N SER A 95 12.87 29.71 -9.31
CA SER A 95 14.19 29.17 -9.70
C SER A 95 15.17 30.31 -9.80
N ARG A 96 16.44 30.00 -9.59
CA ARG A 96 17.57 30.88 -9.97
C ARG A 96 17.87 30.69 -11.46
N PHE A 97 17.32 29.63 -12.06
CA PHE A 97 17.57 29.19 -13.46
C PHE A 97 19.07 28.94 -13.61
N LYS A 98 19.63 28.18 -12.66
CA LYS A 98 21.09 27.88 -12.59
C LYS A 98 21.27 26.39 -12.29
N ASP A 99 21.54 26.04 -11.03
CA ASP A 99 21.98 24.67 -10.63
C ASP A 99 20.88 24.00 -9.80
N THR A 100 21.12 22.76 -9.38
CA THR A 100 20.15 21.91 -8.62
C THR A 100 19.64 22.69 -7.40
N ALA A 101 18.33 22.69 -7.18
CA ALA A 101 17.66 23.32 -6.02
C ALA A 101 17.44 22.23 -4.97
N TYR A 102 17.48 22.60 -3.68
CA TYR A 102 17.19 21.65 -2.57
C TYR A 102 16.18 22.25 -1.59
N CYS A 103 15.29 21.40 -1.07
CA CYS A 103 14.64 21.59 0.25
C CYS A 103 13.78 22.85 0.31
N ALA A 104 12.99 23.12 -0.74
CA ALA A 104 12.11 24.31 -0.77
C ALA A 104 11.06 24.17 0.34
N THR A 105 11.00 25.13 1.24
CA THR A 105 10.23 25.04 2.52
C THR A 105 9.48 26.35 2.74
N PHE A 106 8.16 26.32 2.91
CA PHE A 106 7.37 27.56 3.20
C PHE A 106 7.68 28.10 4.59
N ARG A 107 7.72 29.43 4.71
CA ARG A 107 7.63 30.12 6.00
C ARG A 107 6.21 29.92 6.57
N GLN A 108 6.11 30.05 7.90
CA GLN A 108 4.90 29.81 8.73
C GLN A 108 3.73 30.70 8.27
N ASP A 109 3.99 31.82 7.59
CA ASP A 109 2.94 32.74 7.06
C ASP A 109 2.67 32.46 5.58
N GLY A 110 3.32 31.44 5.00
CA GLY A 110 3.14 31.07 3.59
C GLY A 110 3.68 32.10 2.61
N ARG A 111 4.47 33.09 3.05
CA ARG A 111 4.78 34.27 2.22
C ARG A 111 6.20 34.19 1.62
N LEU A 112 7.06 33.37 2.18
CA LEU A 112 8.44 33.13 1.64
C LEU A 112 8.66 31.63 1.48
N LEU A 113 9.44 31.26 0.46
CA LEU A 113 10.10 29.94 0.33
C LEU A 113 11.60 30.13 0.56
N VAL A 114 12.19 29.27 1.39
CA VAL A 114 13.68 29.14 1.51
C VAL A 114 14.09 27.86 0.79
N ALA A 115 15.23 27.89 0.10
CA ALA A 115 15.79 26.73 -0.64
C ALA A 115 17.32 26.78 -0.54
N GLY A 116 17.98 25.65 -0.74
CA GLY A 116 19.45 25.60 -0.92
C GLY A 116 19.81 25.37 -2.37
N SER A 117 21.06 25.66 -2.75
CA SER A 117 21.55 25.40 -4.13
C SER A 117 22.83 24.57 -4.07
N GLU A 118 23.06 23.81 -5.15
CA GLU A 118 24.26 22.95 -5.40
C GLU A 118 25.53 23.77 -5.22
N ASP A 119 25.56 25.06 -5.61
CA ASP A 119 26.79 25.89 -5.52
C ASP A 119 26.92 26.55 -4.14
N GLY A 120 26.10 26.18 -3.15
CA GLY A 120 26.37 26.52 -1.74
C GLY A 120 25.64 27.78 -1.28
N GLY A 121 24.62 28.17 -2.03
CA GLY A 121 23.75 29.32 -1.73
C GLY A 121 22.55 28.91 -0.92
N VAL A 122 22.05 29.85 -0.13
CA VAL A 122 20.70 29.83 0.49
C VAL A 122 19.87 30.92 -0.18
N GLN A 123 18.68 30.58 -0.71
CA GLN A 123 17.79 31.52 -1.43
C GLN A 123 16.48 31.73 -0.66
N LEU A 124 15.96 32.95 -0.71
CA LEU A 124 14.58 33.28 -0.29
C LEU A 124 13.77 33.75 -1.50
N PHE A 125 12.64 33.12 -1.79
CA PHE A 125 11.70 33.55 -2.84
C PHE A 125 10.46 34.20 -2.19
N ASP A 126 10.12 35.40 -2.63
N ASP A 126 10.11 35.40 -2.65
CA ASP A 126 8.83 36.07 -2.28
CA ASP A 126 8.83 36.10 -2.34
C ASP A 126 7.74 35.42 -3.13
C ASP A 126 7.73 35.42 -3.15
N ILE A 127 6.77 34.78 -2.46
CA ILE A 127 5.67 33.98 -3.10
C ILE A 127 4.79 34.89 -3.97
N SER A 128 4.65 36.17 -3.62
CA SER A 128 3.87 37.18 -4.39
C SER A 128 4.47 37.36 -5.79
N GLY A 129 5.77 37.10 -5.94
CA GLY A 129 6.54 37.27 -7.19
C GLY A 129 6.90 38.73 -7.43
N ARG A 130 6.81 39.57 -6.39
CA ARG A 130 6.95 41.04 -6.47
C ARG A 130 8.42 41.43 -6.24
N ALA A 131 9.02 40.96 -5.14
CA ALA A 131 10.36 41.37 -4.66
C ALA A 131 11.42 40.48 -5.29
N PRO A 132 12.63 41.02 -5.57
CA PRO A 132 13.73 40.20 -6.10
C PRO A 132 14.08 39.04 -5.17
N LEU A 133 14.49 37.93 -5.78
CA LEU A 133 15.19 36.76 -5.19
C LEU A 133 16.36 37.24 -4.30
N ARG A 134 16.43 36.79 -3.04
CA ARG A 134 17.53 37.10 -2.10
C ARG A 134 18.43 35.88 -1.96
N GLN A 135 19.75 36.09 -1.96
CA GLN A 135 20.78 35.03 -1.90
C GLN A 135 21.72 35.28 -0.71
N PHE A 136 21.89 34.28 0.16
CA PHE A 136 22.90 34.27 1.25
C PHE A 136 24.05 33.33 0.88
N GLU A 137 25.27 33.88 0.86
CA GLU A 137 26.51 33.13 0.49
C GLU A 137 27.35 32.94 1.76
N GLY A 138 28.13 31.87 1.78
CA GLY A 138 28.94 31.50 2.95
C GLY A 138 29.28 30.03 2.93
N HIS A 139 28.28 29.17 2.65
CA HIS A 139 28.54 27.71 2.50
C HIS A 139 29.40 27.48 1.25
N THR A 140 30.27 26.48 1.29
CA THR A 140 31.26 26.21 0.21
C THR A 140 30.90 24.95 -0.56
N LYS A 141 29.86 24.20 -0.13
CA LYS A 141 29.33 23.03 -0.87
C LYS A 141 27.79 23.08 -0.91
N ALA A 142 27.19 22.17 -1.67
CA ALA A 142 25.72 22.05 -1.87
C ALA A 142 24.99 22.18 -0.52
N VAL A 143 23.97 23.04 -0.45
CA VAL A 143 23.09 23.22 0.74
C VAL A 143 21.82 22.37 0.57
N HIS A 144 21.73 21.25 1.27
CA HIS A 144 20.59 20.31 1.14
C HIS A 144 19.51 20.58 2.20
N THR A 145 19.79 21.38 3.23
CA THR A 145 18.78 21.62 4.31
C THR A 145 18.69 23.10 4.71
N VAL A 146 17.46 23.59 4.72
CA VAL A 146 17.11 24.98 5.14
C VAL A 146 15.79 24.89 5.89
N ASP A 147 15.65 25.70 6.93
CA ASP A 147 14.35 25.86 7.62
C ASP A 147 14.27 27.27 8.18
N PHE A 148 13.05 27.74 8.39
CA PHE A 148 12.77 29.01 9.14
C PHE A 148 12.69 28.66 10.62
N THR A 149 13.32 29.49 11.46
CA THR A 149 13.08 29.56 12.93
C THR A 149 11.66 30.10 13.23
N ALA A 150 11.18 29.87 14.43
CA ALA A 150 9.80 30.15 14.90
C ALA A 150 9.46 31.63 14.75
N ASP A 151 10.46 32.52 14.88
CA ASP A 151 10.30 34.00 14.81
C ASP A 151 10.06 34.45 13.36
N LYS A 152 10.39 33.61 12.37
CA LYS A 152 10.14 33.80 10.92
C LYS A 152 11.23 34.64 10.24
N TYR A 153 12.20 35.20 10.98
CA TYR A 153 13.20 36.16 10.40
C TYR A 153 14.64 35.62 10.57
N HIS A 154 14.77 34.32 10.84
CA HIS A 154 16.08 33.62 10.78
C HIS A 154 15.92 32.31 10.00
N VAL A 155 17.03 31.87 9.42
CA VAL A 155 17.11 30.59 8.66
C VAL A 155 18.23 29.74 9.27
N VAL A 156 17.96 28.45 9.36
CA VAL A 156 18.96 27.39 9.70
C VAL A 156 19.31 26.65 8.41
N SER A 157 20.58 26.59 8.05
CA SER A 157 21.08 25.83 6.89
C SER A 157 22.11 24.81 7.36
N GLY A 158 22.21 23.72 6.59
CA GLY A 158 23.22 22.65 6.70
C GLY A 158 23.69 22.28 5.32
N ALA A 159 24.99 22.07 5.14
CA ALA A 159 25.60 21.91 3.81
C ALA A 159 26.52 20.69 3.76
N ASP A 160 26.94 20.35 2.54
CA ASP A 160 27.94 19.30 2.23
C ASP A 160 29.35 19.74 2.60
N ASP A 161 29.51 20.97 3.14
CA ASP A 161 30.78 21.44 3.76
C ASP A 161 30.83 21.02 5.24
N TYR A 162 29.81 20.30 5.71
CA TYR A 162 29.68 19.69 7.06
C TYR A 162 29.23 20.75 8.07
N THR A 163 28.93 21.98 7.65
CA THR A 163 28.72 23.10 8.61
C THR A 163 27.22 23.39 8.72
N VAL A 164 26.81 23.96 9.85
CA VAL A 164 25.42 24.42 10.13
C VAL A 164 25.51 25.94 10.32
N LYS A 165 24.61 26.70 9.71
CA LYS A 165 24.64 28.18 9.80
C LYS A 165 23.27 28.68 10.28
N LEU A 166 23.29 29.74 11.10
CA LEU A 166 22.13 30.56 11.50
C LEU A 166 22.26 31.91 10.79
N TRP A 167 21.22 32.27 10.04
CA TRP A 167 21.13 33.50 9.23
C TRP A 167 20.08 34.43 9.81
N ASP A 168 20.42 35.70 9.91
CA ASP A 168 19.49 36.81 10.23
C ASP A 168 18.99 37.40 8.92
N ILE A 169 17.69 37.22 8.62
N ILE A 169 17.70 37.24 8.61
CA ILE A 169 17.02 37.67 7.37
CA ILE A 169 17.14 37.70 7.30
C ILE A 169 17.11 39.20 7.27
C ILE A 169 17.14 39.23 7.26
N PRO A 170 16.52 39.96 8.23
CA PRO A 170 16.54 41.43 8.16
C PRO A 170 17.93 42.06 8.04
N ASN A 171 18.96 41.46 8.65
CA ASN A 171 20.35 42.00 8.65
C ASN A 171 21.12 41.38 7.48
N SER A 172 20.51 40.45 6.72
CA SER A 172 21.08 39.89 5.47
C SER A 172 22.48 39.30 5.71
N LYS A 173 22.65 38.50 6.76
CA LYS A 173 24.00 37.99 7.11
C LYS A 173 23.91 36.73 7.98
N GLU A 174 25.00 35.96 7.94
CA GLU A 174 25.23 34.84 8.87
C GLU A 174 25.47 35.44 10.27
N ILE A 175 24.93 34.81 11.30
CA ILE A 175 25.22 35.25 12.70
C ILE A 175 25.96 34.15 13.46
N LEU A 176 25.81 32.88 13.10
CA LEU A 176 26.47 31.74 13.82
C LEU A 176 26.85 30.67 12.79
N THR A 177 28.02 30.06 12.95
CA THR A 177 28.41 28.80 12.25
C THR A 177 28.80 27.74 13.26
N PHE A 178 28.36 26.50 13.05
CA PHE A 178 28.74 25.33 13.88
C PHE A 178 29.46 24.33 12.99
N LYS A 179 30.69 24.00 13.38
CA LYS A 179 31.58 23.03 12.70
C LYS A 179 31.76 21.83 13.63
N GLU A 180 30.71 21.03 13.79
CA GLU A 180 30.71 19.88 14.73
C GLU A 180 30.45 18.57 13.98
N HIS A 181 29.61 18.59 12.94
CA HIS A 181 29.42 17.42 12.04
C HIS A 181 30.72 17.17 11.27
N SER A 182 30.96 15.91 10.91
CA SER A 182 32.19 15.43 10.23
C SER A 182 31.85 14.87 8.86
N ASP A 183 30.61 15.06 8.39
CA ASP A 183 30.14 14.60 7.06
C ASP A 183 28.94 15.46 6.67
N TYR A 184 28.40 15.25 5.48
CA TYR A 184 27.34 16.08 4.87
C TYR A 184 26.23 16.30 5.90
N VAL A 185 25.72 17.52 6.00
CA VAL A 185 24.52 17.82 6.83
C VAL A 185 23.31 17.86 5.89
N ARG A 186 22.50 16.80 5.88
CA ARG A 186 21.52 16.53 4.80
C ARG A 186 20.08 16.77 5.28
N CYS A 187 19.85 17.03 6.55
CA CYS A 187 18.47 17.28 7.04
C CYS A 187 18.50 18.11 8.31
N GLY A 188 17.38 18.73 8.64
CA GLY A 188 17.34 19.74 9.70
C GLY A 188 15.93 20.16 9.99
N CYS A 189 15.69 20.65 11.21
CA CYS A 189 14.35 21.04 11.73
C CYS A 189 14.57 22.18 12.73
N ALA A 190 13.97 23.37 12.52
CA ALA A 190 13.93 24.40 13.58
C ALA A 190 12.74 24.12 14.47
N SER A 191 12.84 24.44 15.76
CA SER A 191 11.71 24.25 16.69
C SER A 191 10.52 25.06 16.16
N LYS A 192 9.32 24.47 16.23
CA LYS A 192 8.03 25.11 15.94
C LYS A 192 7.78 26.26 16.95
N LEU A 193 8.28 26.16 18.18
CA LEU A 193 7.88 27.09 19.28
C LEU A 193 9.03 27.99 19.73
N ASN A 194 10.26 27.49 19.71
CA ASN A 194 11.45 28.12 20.34
C ASN A 194 12.34 28.66 19.22
N PRO A 195 12.46 30.01 19.06
CA PRO A 195 13.28 30.58 17.99
C PRO A 195 14.77 30.27 18.14
N ASP A 196 15.22 29.88 19.34
CA ASP A 196 16.66 29.61 19.62
C ASP A 196 17.04 28.16 19.30
N LEU A 197 16.07 27.25 19.23
CA LEU A 197 16.31 25.78 19.21
C LEU A 197 16.14 25.23 17.79
N PHE A 198 17.08 24.39 17.36
CA PHE A 198 17.01 23.70 16.05
C PHE A 198 17.92 22.49 16.07
N ILE A 199 17.67 21.55 15.17
CA ILE A 199 18.45 20.28 15.09
C ILE A 199 18.93 20.08 13.66
N THR A 200 20.00 19.32 13.48
CA THR A 200 20.48 18.84 12.16
C THR A 200 20.89 17.37 12.24
N GLY A 201 20.73 16.67 11.13
CA GLY A 201 21.19 15.28 10.94
C GLY A 201 22.29 15.25 9.92
N SER A 202 23.20 14.30 10.08
CA SER A 202 24.39 14.19 9.21
C SER A 202 24.61 12.75 8.73
N TYR A 203 25.29 12.61 7.60
CA TYR A 203 25.87 11.31 7.16
C TYR A 203 26.93 10.82 8.17
N ASP A 204 27.36 11.64 9.13
CA ASP A 204 28.26 11.25 10.24
C ASP A 204 27.50 10.41 11.28
N HIS A 205 26.19 10.17 11.09
CA HIS A 205 25.35 9.19 11.84
C HIS A 205 24.77 9.83 13.10
N THR A 206 24.95 11.14 13.27
CA THR A 206 24.51 11.89 14.47
C THR A 206 23.43 12.90 14.12
N VAL A 207 22.60 13.17 15.12
CA VAL A 207 21.72 14.37 15.15
C VAL A 207 22.21 15.31 16.25
N LYS A 208 22.36 16.59 15.93
CA LYS A 208 22.86 17.59 16.90
C LYS A 208 21.75 18.61 17.18
N MET A 209 21.54 18.90 18.46
CA MET A 209 20.58 19.92 18.92
C MET A 209 21.38 21.15 19.32
N PHE A 210 21.04 22.29 18.73
CA PHE A 210 21.74 23.59 18.88
C PHE A 210 20.82 24.58 19.58
N ASP A 211 21.37 25.46 20.43
CA ASP A 211 20.67 26.64 21.00
C ASP A 211 21.43 27.88 20.52
N ALA A 212 20.75 28.81 19.84
CA ALA A 212 21.33 30.04 19.24
C ALA A 212 22.13 30.84 20.28
N ARG A 213 21.89 30.65 21.58
CA ARG A 213 22.53 31.43 22.67
C ARG A 213 23.86 30.81 23.13
N THR A 214 24.23 29.63 22.63
CA THR A 214 25.53 28.97 22.96
C THR A 214 26.22 28.60 21.64
N SER A 215 27.55 28.55 21.64
CA SER A 215 28.39 28.36 20.43
C SER A 215 28.69 26.89 20.16
N GLU A 216 28.26 25.97 21.05
CA GLU A 216 28.39 24.49 20.84
C GLU A 216 27.02 23.82 20.98
N SER A 217 26.79 22.71 20.26
CA SER A 217 25.59 21.84 20.41
C SER A 217 25.32 21.57 21.90
N VAL A 218 24.04 21.55 22.27
CA VAL A 218 23.59 21.26 23.66
C VAL A 218 23.47 19.74 23.84
N LEU A 219 23.16 18.99 22.79
CA LEU A 219 22.97 17.52 22.83
C LEU A 219 23.32 16.89 21.48
N SER A 220 23.74 15.64 21.53
CA SER A 220 24.05 14.83 20.32
C SER A 220 23.51 13.42 20.55
N VAL A 221 22.82 12.84 19.56
CA VAL A 221 22.35 11.43 19.64
C VAL A 221 22.91 10.67 18.43
N GLU A 222 23.23 9.41 18.66
CA GLU A 222 23.85 8.53 17.64
C GLU A 222 22.74 7.73 16.97
N HIS A 223 22.21 8.22 15.85
CA HIS A 223 21.26 7.44 15.00
C HIS A 223 21.92 6.13 14.57
N GLY A 224 23.20 6.17 14.18
CA GLY A 224 24.09 5.02 13.96
C GLY A 224 24.06 4.55 12.50
N GLN A 225 23.30 5.25 11.68
CA GLN A 225 23.28 5.12 10.21
C GLN A 225 23.30 6.55 9.67
N PRO A 226 23.62 6.79 8.38
CA PRO A 226 23.61 8.14 7.82
C PRO A 226 22.19 8.69 7.94
N VAL A 227 22.05 9.90 8.45
CA VAL A 227 20.73 10.48 8.80
C VAL A 227 20.18 11.20 7.56
N GLU A 228 19.00 10.80 7.10
CA GLU A 228 18.35 11.31 5.87
C GLU A 228 17.24 12.29 6.23
N SER A 229 16.59 12.15 7.39
CA SER A 229 15.47 12.99 7.85
C SER A 229 15.48 13.13 9.36
N VAL A 230 14.98 14.28 9.86
CA VAL A 230 14.73 14.46 11.31
C VAL A 230 13.41 15.20 11.47
N LEU A 231 12.78 14.99 12.63
N LEU A 231 12.79 15.07 12.65
CA LEU A 231 11.59 15.74 13.10
CA LEU A 231 11.58 15.83 13.03
C LEU A 231 11.84 16.15 14.55
C LEU A 231 11.63 16.10 14.54
N LEU A 232 11.49 17.38 14.91
CA LEU A 232 11.41 17.83 16.31
C LEU A 232 9.92 18.03 16.61
N PHE A 233 9.38 17.34 17.62
CA PHE A 233 8.02 17.63 18.15
C PHE A 233 8.00 19.06 18.67
N PRO A 234 6.83 19.74 18.69
CA PRO A 234 6.77 21.14 19.10
C PRO A 234 7.36 21.46 20.49
N SER A 235 7.27 20.57 21.47
CA SER A 235 7.79 20.77 22.84
C SER A 235 9.32 20.92 22.83
N GLY A 236 9.99 20.43 21.78
CA GLY A 236 11.45 20.25 21.72
C GLY A 236 11.94 19.04 22.51
N GLY A 237 11.08 18.35 23.27
CA GLY A 237 11.51 17.26 24.17
C GLY A 237 11.66 15.91 23.47
N LEU A 238 11.02 15.73 22.31
CA LEU A 238 11.10 14.49 21.51
C LEU A 238 11.59 14.83 20.11
N LEU A 239 12.48 13.99 19.60
CA LEU A 239 13.16 14.13 18.30
C LEU A 239 13.04 12.78 17.58
N VAL A 240 12.70 12.80 16.28
CA VAL A 240 12.66 11.56 15.44
C VAL A 240 13.81 11.63 14.43
N SER A 241 14.58 10.54 14.27
CA SER A 241 15.73 10.47 13.32
C SER A 241 15.48 9.29 12.39
N ALA A 242 15.74 9.45 11.09
CA ALA A 242 15.52 8.37 10.10
C ALA A 242 16.76 8.25 9.21
N GLY A 243 17.09 7.02 8.82
CA GLY A 243 18.29 6.72 8.04
C GLY A 243 18.72 5.28 8.21
N GLY A 244 19.46 4.75 7.24
CA GLY A 244 19.43 3.28 7.02
C GLY A 244 18.00 2.77 7.13
N ARG A 245 17.80 1.60 7.72
CA ARG A 245 16.46 0.96 7.78
C ARG A 245 15.71 1.37 9.06
N TYR A 246 16.19 2.38 9.78
CA TYR A 246 15.76 2.67 11.17
C TYR A 246 15.07 4.03 11.27
N VAL A 247 13.97 4.06 12.03
CA VAL A 247 13.38 5.27 12.63
C VAL A 247 13.60 5.17 14.13
N LYS A 248 14.16 6.22 14.73
CA LYS A 248 14.49 6.26 16.17
C LYS A 248 13.87 7.49 16.82
N VAL A 249 13.33 7.31 18.02
CA VAL A 249 12.62 8.36 18.78
C VAL A 249 13.41 8.55 20.09
N TRP A 250 13.78 9.80 20.36
CA TRP A 250 14.74 10.23 21.41
C TRP A 250 14.06 11.22 22.35
N ASP A 251 14.24 11.04 23.65
CA ASP A 251 13.81 12.04 24.65
C ASP A 251 15.01 12.96 24.93
N MET A 252 14.93 14.18 24.41
CA MET A 252 16.01 15.21 24.48
C MET A 252 15.96 15.96 25.83
N LEU A 253 14.81 15.99 26.53
CA LEU A 253 14.75 16.54 27.91
C LEU A 253 15.52 15.62 28.84
N LYS A 254 15.46 14.31 28.57
CA LYS A 254 16.19 13.23 29.28
C LYS A 254 17.62 13.01 28.73
N GLY A 255 18.25 14.03 28.15
CA GLY A 255 19.66 13.97 27.71
C GLY A 255 19.86 13.21 26.39
N GLY A 256 18.79 12.89 25.66
CA GLY A 256 18.86 12.07 24.44
C GLY A 256 18.78 10.60 24.76
N GLN A 257 17.83 10.21 25.62
CA GLN A 257 17.48 8.80 25.90
C GLN A 257 16.72 8.20 24.70
N LEU A 258 17.16 7.04 24.18
CA LEU A 258 16.44 6.32 23.09
C LEU A 258 15.16 5.71 23.67
N LEU A 259 14.00 6.16 23.18
CA LEU A 259 12.66 5.62 23.56
C LEU A 259 12.32 4.37 22.74
N VAL A 260 12.58 4.38 21.44
CA VAL A 260 12.27 3.21 20.58
C VAL A 260 13.09 3.28 19.30
N SER A 261 13.46 2.10 18.78
CA SER A 261 14.09 1.88 17.46
C SER A 261 13.10 1.08 16.62
N LEU A 262 12.71 1.59 15.45
CA LEU A 262 11.73 0.94 14.54
C LEU A 262 12.42 0.53 13.23
N LYS A 263 12.30 -0.75 12.86
CA LYS A 263 12.93 -1.33 11.65
C LYS A 263 11.86 -1.92 10.73
N ASN A 264 10.93 -1.09 10.26
CA ASN A 264 9.73 -1.53 9.51
C ASN A 264 9.95 -1.32 8.00
N HIS A 265 11.06 -0.73 7.58
CA HIS A 265 11.41 -0.57 6.14
C HIS A 265 12.52 -1.55 5.76
N HIS A 266 12.55 -1.96 4.50
CA HIS A 266 13.52 -2.92 3.91
C HIS A 266 14.69 -2.20 3.25
N LYS A 267 14.60 -0.88 3.05
CA LYS A 267 15.63 -0.02 2.42
C LYS A 267 15.63 1.34 3.12
N THR A 268 16.56 2.20 2.73
CA THR A 268 16.81 3.52 3.37
C THR A 268 15.47 4.23 3.65
N VAL A 269 15.31 4.71 4.87
CA VAL A 269 14.20 5.61 5.28
C VAL A 269 14.61 7.02 4.86
N THR A 270 13.82 7.67 4.01
CA THR A 270 14.19 8.94 3.33
C THR A 270 13.45 10.17 3.87
N CYS A 271 12.29 10.00 4.53
CA CYS A 271 11.42 11.13 4.91
C CYS A 271 10.49 10.78 6.09
N LEU A 272 10.17 11.83 6.83
CA LEU A 272 9.34 11.80 8.06
C LEU A 272 8.32 12.92 7.93
N CYS A 273 7.16 12.66 8.50
CA CYS A 273 6.02 13.59 8.54
C CYS A 273 5.17 13.32 9.79
N LEU A 274 4.64 14.36 10.42
CA LEU A 274 3.56 14.21 11.44
C LEU A 274 2.21 14.38 10.73
N SER A 275 1.19 13.68 11.20
CA SER A 275 -0.21 13.91 10.74
C SER A 275 -0.64 15.30 11.24
N SER A 276 -1.66 15.89 10.63
CA SER A 276 -2.27 17.17 11.03
C SER A 276 -2.49 17.26 12.55
N SER A 277 -2.83 16.14 13.20
CA SER A 277 -3.19 16.06 14.64
C SER A 277 -1.95 16.00 15.54
N GLY A 278 -0.80 15.59 14.98
CA GLY A 278 0.43 15.34 15.74
C GLY A 278 0.40 13.98 16.41
N GLN A 279 -0.69 13.22 16.24
CA GLN A 279 -0.89 11.93 16.95
C GLN A 279 -0.36 10.74 16.13
N ARG A 280 0.08 10.98 14.90
CA ARG A 280 0.65 9.90 14.03
C ARG A 280 1.96 10.38 13.43
N LEU A 281 2.92 9.45 13.30
CA LEU A 281 4.20 9.64 12.57
C LEU A 281 4.15 8.85 11.26
N LEU A 282 4.53 9.48 10.14
CA LEU A 282 4.63 8.79 8.83
C LEU A 282 6.08 8.77 8.38
N SER A 283 6.52 7.62 7.86
CA SER A 283 7.88 7.46 7.28
C SER A 283 7.73 6.96 5.85
N GLY A 284 8.56 7.47 4.94
CA GLY A 284 8.70 6.99 3.54
C GLY A 284 10.10 6.46 3.29
N SER A 285 10.27 5.60 2.29
CA SER A 285 11.49 4.77 2.09
C SER A 285 11.72 4.45 0.61
N LEU A 286 12.96 4.12 0.27
CA LEU A 286 13.33 3.59 -1.08
C LEU A 286 12.60 2.26 -1.31
N ASP A 287 12.03 1.67 -0.27
CA ASP A 287 11.33 0.36 -0.35
C ASP A 287 9.89 0.59 -0.84
N ARG A 288 9.53 1.82 -1.19
CA ARG A 288 8.27 2.18 -1.89
C ARG A 288 7.07 2.20 -0.94
N LYS A 289 7.28 2.13 0.38
CA LYS A 289 6.17 2.12 1.36
C LYS A 289 6.19 3.40 2.19
N VAL A 290 5.02 3.82 2.61
CA VAL A 290 4.89 4.80 3.74
C VAL A 290 4.25 4.06 4.91
N LYS A 291 4.94 4.02 6.05
CA LYS A 291 4.42 3.46 7.34
C LYS A 291 3.82 4.61 8.16
N VAL A 292 2.71 4.33 8.85
CA VAL A 292 2.05 5.27 9.81
C VAL A 292 2.09 4.62 11.19
N TYR A 293 2.60 5.32 12.20
CA TYR A 293 2.80 4.81 13.57
C TYR A 293 2.00 5.66 14.57
N SER A 294 1.48 5.04 15.62
CA SER A 294 0.94 5.77 16.78
C SER A 294 2.10 6.49 17.48
N THR A 295 1.95 7.78 17.79
CA THR A 295 2.98 8.53 18.58
C THR A 295 2.90 8.11 20.06
N THR A 296 1.96 7.24 20.45
CA THR A 296 1.88 6.72 21.85
C THR A 296 2.58 5.36 21.93
N SER A 297 2.25 4.42 21.06
CA SER A 297 2.73 3.02 21.07
C SER A 297 3.94 2.83 20.15
N TYR A 298 4.05 3.63 19.09
CA TYR A 298 4.99 3.45 17.95
C TYR A 298 4.79 2.09 17.27
N LYS A 299 3.58 1.54 17.38
CA LYS A 299 3.10 0.40 16.56
C LYS A 299 2.72 0.94 15.19
N VAL A 300 2.91 0.15 14.13
CA VAL A 300 2.41 0.50 12.77
C VAL A 300 0.88 0.35 12.75
N VAL A 301 0.15 1.43 12.44
CA VAL A 301 -1.34 1.43 12.39
C VAL A 301 -1.83 1.42 10.93
N HIS A 302 -0.97 1.77 9.98
CA HIS A 302 -1.28 1.69 8.54
C HIS A 302 0.01 1.56 7.72
N SER A 303 -0.14 1.01 6.51
CA SER A 303 0.93 0.88 5.48
C SER A 303 0.30 1.20 4.12
N PHE A 304 0.98 2.04 3.33
CA PHE A 304 0.67 2.42 1.93
C PHE A 304 1.82 1.92 1.03
N ASP A 305 1.49 1.44 -0.17
CA ASP A 305 2.46 0.99 -1.22
C ASP A 305 2.47 2.03 -2.36
N TYR A 306 3.66 2.36 -2.90
CA TYR A 306 3.81 3.27 -4.09
C TYR A 306 4.60 2.54 -5.18
N ALA A 307 4.59 3.05 -6.42
CA ALA A 307 5.14 2.35 -7.62
C ALA A 307 6.68 2.35 -7.59
N ALA A 308 7.28 3.32 -6.90
CA ALA A 308 8.72 3.59 -6.99
C ALA A 308 9.26 4.08 -5.65
N SER A 309 10.58 3.99 -5.48
CA SER A 309 11.33 4.50 -4.32
C SER A 309 10.87 5.92 -3.94
N ILE A 310 10.58 6.15 -2.65
CA ILE A 310 10.03 7.44 -2.15
C ILE A 310 11.19 8.31 -1.65
N LEU A 311 11.21 9.59 -2.02
CA LEU A 311 12.21 10.59 -1.54
C LEU A 311 11.54 11.65 -0.66
N SER A 312 10.25 11.93 -0.88
CA SER A 312 9.51 13.07 -0.28
C SER A 312 8.08 12.66 0.09
N LEU A 313 7.56 13.28 1.14
CA LEU A 313 6.23 12.98 1.73
C LEU A 313 5.72 14.26 2.38
N ALA A 314 4.51 14.70 2.07
CA ALA A 314 3.92 15.91 2.67
C ALA A 314 2.40 15.74 2.79
N LEU A 315 1.85 16.22 3.90
CA LEU A 315 0.41 16.17 4.25
C LEU A 315 -0.08 17.62 4.33
N ALA A 316 -1.19 17.92 3.65
CA ALA A 316 -1.89 19.23 3.70
C ALA A 316 -2.64 19.37 5.03
N HIS A 317 -3.12 20.58 5.30
CA HIS A 317 -3.95 20.96 6.48
C HIS A 317 -5.04 19.90 6.69
N GLU A 318 -5.19 19.38 7.92
CA GLU A 318 -6.19 18.34 8.29
C GLU A 318 -6.06 17.11 7.37
N ASP A 319 -4.86 16.84 6.84
CA ASP A 319 -4.55 15.60 6.08
C ASP A 319 -5.42 15.50 4.83
N GLU A 320 -5.89 16.63 4.27
CA GLU A 320 -6.86 16.64 3.14
C GLU A 320 -6.18 16.17 1.85
N THR A 321 -4.85 16.28 1.77
CA THR A 321 -4.03 15.80 0.61
C THR A 321 -2.75 15.15 1.11
N ILE A 322 -2.42 13.97 0.57
CA ILE A 322 -1.12 13.28 0.82
C ILE A 322 -0.34 13.27 -0.49
N VAL A 323 0.85 13.88 -0.48
CA VAL A 323 1.74 13.94 -1.66
C VAL A 323 3.01 13.17 -1.34
N VAL A 324 3.34 12.25 -2.23
CA VAL A 324 4.58 11.43 -2.21
C VAL A 324 5.36 11.72 -3.48
N GLY A 325 6.65 12.04 -3.33
CA GLY A 325 7.55 12.26 -4.47
C GLY A 325 8.53 11.11 -4.58
N MET A 326 8.75 10.59 -5.79
CA MET A 326 9.53 9.35 -5.98
C MET A 326 10.75 9.62 -6.87
N THR A 327 11.65 8.64 -6.94
CA THR A 327 12.98 8.76 -7.58
C THR A 327 12.83 8.83 -9.11
N ASN A 328 11.72 8.33 -9.65
CA ASN A 328 11.44 8.29 -11.11
C ASN A 328 10.83 9.62 -11.57
N GLY A 329 10.77 10.63 -10.70
CA GLY A 329 10.27 11.99 -11.01
C GLY A 329 8.75 12.06 -10.98
N ILE A 330 8.04 11.11 -10.38
CA ILE A 330 6.56 11.20 -10.36
C ILE A 330 6.08 11.56 -8.95
N LEU A 331 5.12 12.49 -8.90
CA LEU A 331 4.32 12.83 -7.70
C LEU A 331 3.06 11.97 -7.72
N SER A 332 2.77 11.32 -6.59
CA SER A 332 1.48 10.67 -6.31
C SER A 332 0.70 11.55 -5.33
N VAL A 333 -0.44 12.08 -5.78
CA VAL A 333 -1.33 12.96 -4.97
C VAL A 333 -2.62 12.19 -4.62
N LYS A 334 -2.91 12.09 -3.32
CA LYS A 334 -4.15 11.45 -2.80
C LYS A 334 -5.02 12.51 -2.13
N HIS A 335 -6.27 12.67 -2.61
CA HIS A 335 -7.27 13.62 -2.06
C HIS A 335 -8.23 12.89 -1.12
N ARG A 336 -8.45 13.44 0.07
CA ARG A 336 -9.35 12.85 1.10
C ARG A 336 -10.77 12.80 0.54
N LYS A 337 -11.46 11.68 0.71
CA LYS A 337 -12.87 11.48 0.28
C LYS A 337 -13.80 12.44 1.03
N THR B 38 -10.12 -38.86 15.98
CA THR B 38 -10.08 -39.41 14.60
C THR B 38 -8.77 -39.02 13.92
N GLN B 39 -8.40 -39.70 12.83
CA GLN B 39 -7.16 -39.38 12.08
C GLN B 39 -7.40 -38.09 11.25
N ASP B 40 -8.66 -37.69 11.04
CA ASP B 40 -8.98 -36.35 10.48
C ASP B 40 -8.67 -35.26 11.51
N THR B 41 -9.09 -35.43 12.77
CA THR B 41 -8.77 -34.46 13.86
C THR B 41 -7.25 -34.43 14.03
N LEU B 42 -6.61 -35.59 13.87
CA LEU B 42 -5.14 -35.76 13.96
C LEU B 42 -4.46 -34.93 12.86
N TYR B 43 -4.95 -35.03 11.62
CA TYR B 43 -4.35 -34.39 10.43
C TYR B 43 -4.51 -32.87 10.50
N TRP B 44 -5.74 -32.40 10.70
CA TRP B 44 -6.10 -30.95 10.62
C TRP B 44 -5.64 -30.18 11.86
N ASN B 45 -5.29 -30.89 12.94
CA ASN B 45 -4.78 -30.29 14.19
C ASN B 45 -3.25 -30.17 14.11
N ASN B 46 -2.61 -30.79 13.11
CA ASN B 46 -1.13 -30.92 13.04
C ASN B 46 -0.48 -29.65 12.47
N TYR B 47 -0.82 -28.49 13.04
CA TYR B 47 -0.26 -27.17 12.62
C TYR B 47 0.28 -26.41 13.84
N LYS B 48 1.35 -25.64 13.63
CA LYS B 48 1.98 -24.80 14.69
C LYS B 48 1.03 -23.67 15.07
N THR B 49 1.37 -22.95 16.15
CA THR B 49 0.69 -21.72 16.55
C THR B 49 0.54 -20.82 15.32
N PRO B 50 -0.67 -20.26 15.09
CA PRO B 50 -0.88 -19.33 13.98
C PRO B 50 -0.01 -18.07 14.08
N VAL B 51 0.43 -17.58 12.93
CA VAL B 51 1.10 -16.27 12.72
C VAL B 51 0.04 -15.29 12.23
N GLN B 52 -0.17 -14.19 12.97
CA GLN B 52 -1.14 -13.09 12.62
C GLN B 52 -0.35 -11.99 11.88
N ILE B 53 -0.74 -11.69 10.63
CA ILE B 53 -0.11 -10.62 9.79
C ILE B 53 -1.16 -9.55 9.50
N LYS B 54 -0.81 -8.29 9.73
CA LYS B 54 -1.71 -7.13 9.48
C LYS B 54 -1.59 -6.71 8.01
N GLU B 55 -2.72 -6.67 7.28
CA GLU B 55 -2.78 -6.21 5.87
C GLU B 55 -3.39 -4.80 5.75
N PHE B 56 -4.04 -4.26 6.78
CA PHE B 56 -4.56 -2.86 6.80
C PHE B 56 -5.54 -2.64 5.64
N GLY B 57 -6.51 -3.56 5.54
CA GLY B 57 -7.46 -3.71 4.44
C GLY B 57 -8.09 -5.10 4.49
N ALA B 58 -9.42 -5.18 4.46
CA ALA B 58 -10.15 -6.47 4.40
C ALA B 58 -9.48 -7.38 3.36
N VAL B 59 -9.15 -8.62 3.72
CA VAL B 59 -8.41 -9.57 2.83
C VAL B 59 -9.43 -10.26 1.93
N SER B 60 -9.69 -9.74 0.74
CA SER B 60 -10.79 -10.24 -0.13
C SER B 60 -10.40 -11.53 -0.88
N LYS B 61 -9.12 -11.84 -1.03
CA LYS B 61 -8.69 -13.13 -1.64
C LYS B 61 -7.27 -13.48 -1.22
N VAL B 62 -7.04 -14.77 -0.96
CA VAL B 62 -5.72 -15.45 -0.85
C VAL B 62 -5.68 -16.57 -1.88
N ASP B 63 -4.54 -16.72 -2.55
CA ASP B 63 -4.29 -17.74 -3.60
C ASP B 63 -2.82 -18.16 -3.48
N PHE B 64 -2.57 -19.46 -3.30
CA PHE B 64 -1.22 -20.05 -3.38
C PHE B 64 -0.85 -20.26 -4.85
N SER B 65 0.37 -19.89 -5.23
CA SER B 65 1.01 -20.38 -6.47
C SER B 65 1.09 -21.90 -6.41
N PRO B 66 0.71 -22.58 -7.51
CA PRO B 66 0.83 -24.03 -7.62
C PRO B 66 2.26 -24.48 -7.95
N GLN B 67 3.23 -23.56 -8.01
CA GLN B 67 4.63 -23.87 -8.36
C GLN B 67 5.55 -23.56 -7.19
N PRO B 68 6.60 -24.37 -6.93
CA PRO B 68 7.58 -24.07 -5.88
C PRO B 68 8.07 -22.64 -6.03
N PRO B 69 8.34 -21.88 -4.93
CA PRO B 69 8.23 -22.38 -3.55
C PRO B 69 6.86 -22.10 -2.90
N TYR B 70 5.80 -22.09 -3.69
CA TYR B 70 4.39 -21.93 -3.22
C TYR B 70 4.24 -20.64 -2.40
N ASN B 71 4.64 -19.50 -2.97
CA ASN B 71 4.29 -18.17 -2.43
C ASN B 71 2.76 -18.03 -2.47
N TYR B 72 2.19 -17.13 -1.67
CA TYR B 72 0.75 -16.79 -1.79
C TYR B 72 0.61 -15.30 -2.09
N ALA B 73 -0.42 -15.00 -2.89
CA ALA B 73 -0.88 -13.66 -3.29
C ALA B 73 -2.08 -13.26 -2.45
N VAL B 74 -1.97 -12.10 -1.77
CA VAL B 74 -3.02 -11.55 -0.88
C VAL B 74 -3.61 -10.31 -1.55
N THR B 75 -4.89 -10.35 -1.88
CA THR B 75 -5.64 -9.20 -2.44
C THR B 75 -6.26 -8.44 -1.26
N ALA B 76 -5.89 -7.16 -1.09
CA ALA B 76 -6.50 -6.24 -0.11
C ALA B 76 -6.41 -4.80 -0.65
N SER B 77 -7.45 -4.00 -0.45
CA SER B 77 -7.49 -2.57 -0.84
C SER B 77 -7.16 -2.47 -2.34
N SER B 78 -6.12 -1.71 -2.71
N SER B 78 -6.09 -1.75 -2.71
CA SER B 78 -5.75 -1.43 -4.13
CA SER B 78 -5.75 -1.41 -4.11
C SER B 78 -4.42 -2.10 -4.50
C SER B 78 -4.52 -2.19 -4.61
N ARG B 79 -4.08 -3.22 -3.88
CA ARG B 79 -2.78 -3.88 -4.22
C ARG B 79 -2.81 -5.38 -3.92
N ILE B 80 -1.85 -6.07 -4.52
CA ILE B 80 -1.61 -7.53 -4.34
C ILE B 80 -0.26 -7.68 -3.65
N HIS B 81 -0.22 -8.31 -2.47
CA HIS B 81 1.02 -8.63 -1.71
C HIS B 81 1.37 -10.10 -1.93
N ILE B 82 2.61 -10.36 -2.34
CA ILE B 82 3.20 -11.73 -2.37
C ILE B 82 3.92 -11.94 -1.04
N TYR B 83 3.65 -13.06 -0.39
CA TYR B 83 4.37 -13.54 0.81
C TYR B 83 5.02 -14.87 0.45
N GLY B 84 6.24 -15.12 0.93
CA GLY B 84 6.78 -16.49 1.02
C GLY B 84 6.08 -17.21 2.16
N ARG B 85 6.02 -18.55 2.11
CA ARG B 85 5.24 -19.36 3.08
C ARG B 85 5.53 -18.87 4.50
N TYR B 86 6.80 -18.55 4.83
CA TYR B 86 7.25 -18.17 6.19
C TYR B 86 7.52 -16.66 6.31
N SER B 87 7.18 -15.85 5.29
CA SER B 87 7.26 -14.37 5.32
C SER B 87 6.24 -13.81 6.32
N GLN B 88 6.66 -12.81 7.10
CA GLN B 88 5.72 -12.05 7.97
C GLN B 88 5.51 -10.66 7.35
N GLU B 89 6.24 -10.35 6.27
CA GLU B 89 6.05 -9.10 5.48
C GLU B 89 6.15 -9.43 3.99
N PRO B 90 5.47 -8.69 3.08
CA PRO B 90 5.47 -9.04 1.66
C PRO B 90 6.88 -9.03 1.03
N ILE B 91 7.12 -9.89 0.04
CA ILE B 91 8.38 -9.96 -0.73
C ILE B 91 8.21 -9.31 -2.12
N LYS B 92 6.97 -9.13 -2.58
CA LYS B 92 6.65 -8.36 -3.83
C LYS B 92 5.29 -7.69 -3.63
N THR B 93 5.02 -6.64 -4.40
CA THR B 93 3.68 -6.00 -4.52
C THR B 93 3.35 -5.86 -6.01
N PHE B 94 2.13 -6.22 -6.40
CA PHE B 94 1.60 -5.93 -7.75
C PHE B 94 0.39 -5.02 -7.58
N SER B 95 0.30 -3.96 -8.38
CA SER B 95 -0.79 -2.98 -8.29
C SER B 95 -0.80 -2.16 -9.57
N ARG B 96 -1.97 -1.64 -9.92
CA ARG B 96 -2.11 -0.51 -10.86
C ARG B 96 -1.84 0.82 -10.13
N PHE B 97 -1.85 0.82 -8.79
CA PHE B 97 -1.69 2.03 -7.94
C PHE B 97 -2.82 3.00 -8.24
N LYS B 98 -4.03 2.44 -8.32
CA LYS B 98 -5.24 3.16 -8.76
C LYS B 98 -6.36 2.85 -7.79
N ASP B 99 -7.27 1.93 -8.15
CA ASP B 99 -8.52 1.67 -7.39
C ASP B 99 -8.47 0.25 -6.79
N THR B 100 -9.55 -0.18 -6.14
CA THR B 100 -9.60 -1.45 -5.38
C THR B 100 -9.33 -2.62 -6.35
N ALA B 101 -8.51 -3.58 -5.93
CA ALA B 101 -8.15 -4.80 -6.70
C ALA B 101 -8.99 -5.97 -6.19
N TYR B 102 -9.33 -6.90 -7.07
CA TYR B 102 -10.12 -8.09 -6.67
C TYR B 102 -9.48 -9.35 -7.22
N CYS B 103 -9.54 -10.41 -6.42
CA CYS B 103 -9.52 -11.82 -6.88
C CYS B 103 -8.20 -12.15 -7.59
N ALA B 104 -7.05 -11.75 -7.03
CA ALA B 104 -5.73 -12.04 -7.65
C ALA B 104 -5.54 -13.56 -7.64
N THR B 105 -5.33 -14.15 -8.80
CA THR B 105 -5.32 -15.62 -9.04
C THR B 105 -4.11 -16.00 -9.88
N PHE B 106 -3.27 -16.94 -9.42
CA PHE B 106 -2.11 -17.43 -10.20
C PHE B 106 -2.57 -18.31 -11.36
N ARG B 107 -1.91 -18.13 -12.50
CA ARG B 107 -1.93 -19.12 -13.59
C ARG B 107 -1.26 -20.42 -13.12
N GLN B 108 -1.66 -21.52 -13.76
CA GLN B 108 -1.27 -22.93 -13.43
C GLN B 108 0.26 -23.09 -13.48
N ASP B 109 0.96 -22.26 -14.24
CA ASP B 109 2.45 -22.28 -14.34
C ASP B 109 3.07 -21.31 -13.32
N GLY B 110 2.26 -20.62 -12.50
CA GLY B 110 2.74 -19.67 -11.49
C GLY B 110 3.36 -18.41 -12.07
N ARG B 111 3.23 -18.15 -13.38
CA ARG B 111 4.05 -17.10 -14.07
C ARG B 111 3.25 -15.81 -14.29
N LEU B 112 1.92 -15.85 -14.22
CA LEU B 112 1.04 -14.66 -14.31
C LEU B 112 0.08 -14.65 -13.12
N LEU B 113 -0.34 -13.44 -12.75
CA LEU B 113 -1.51 -13.18 -11.88
C LEU B 113 -2.57 -12.50 -12.75
N VAL B 114 -3.83 -12.90 -12.59
CA VAL B 114 -4.99 -12.17 -13.15
C VAL B 114 -5.75 -11.57 -11.97
N ALA B 115 -6.28 -10.37 -12.15
CA ALA B 115 -7.03 -9.64 -11.11
C ALA B 115 -8.12 -8.80 -11.78
N GLY B 116 -9.15 -8.43 -11.03
CA GLY B 116 -10.15 -7.44 -11.43
C GLY B 116 -9.92 -6.11 -10.74
N SER B 117 -10.42 -5.03 -11.32
CA SER B 117 -10.38 -3.69 -10.68
C SER B 117 -11.80 -3.15 -10.56
N GLU B 118 -11.99 -2.29 -9.57
CA GLU B 118 -13.23 -1.54 -9.25
C GLU B 118 -13.74 -0.78 -10.48
N ASP B 119 -12.86 -0.25 -11.35
CA ASP B 119 -13.30 0.54 -12.53
C ASP B 119 -13.57 -0.37 -13.76
N GLY B 120 -13.64 -1.69 -13.61
CA GLY B 120 -14.16 -2.59 -14.65
C GLY B 120 -13.08 -3.21 -15.52
N GLY B 121 -11.83 -3.15 -15.08
CA GLY B 121 -10.68 -3.68 -15.81
C GLY B 121 -10.38 -5.11 -15.39
N VAL B 122 -9.81 -5.88 -16.33
CA VAL B 122 -9.15 -7.19 -16.07
C VAL B 122 -7.65 -6.97 -16.31
N GLN B 123 -6.79 -7.26 -15.31
CA GLN B 123 -5.31 -7.04 -15.38
C GLN B 123 -4.54 -8.35 -15.31
N LEU B 124 -3.47 -8.45 -16.09
CA LEU B 124 -2.47 -9.56 -16.01
C LEU B 124 -1.15 -8.98 -15.52
N PHE B 125 -0.56 -9.57 -14.48
CA PHE B 125 0.78 -9.21 -13.99
C PHE B 125 1.75 -10.36 -14.26
N ASP B 126 2.89 -10.03 -14.86
CA ASP B 126 4.07 -10.89 -15.05
C ASP B 126 4.78 -11.00 -13.68
N ILE B 127 4.81 -12.20 -13.10
CA ILE B 127 5.40 -12.45 -11.76
C ILE B 127 6.89 -12.06 -11.78
N SER B 128 7.58 -12.24 -12.91
CA SER B 128 9.03 -11.92 -13.08
C SER B 128 9.27 -10.42 -12.91
N GLY B 129 8.24 -9.60 -13.17
CA GLY B 129 8.33 -8.12 -13.17
C GLY B 129 9.07 -7.63 -14.41
N ARG B 130 9.18 -8.46 -15.45
CA ARG B 130 9.82 -8.12 -16.75
C ARG B 130 8.87 -7.24 -17.56
N ALA B 131 7.77 -7.84 -18.05
CA ALA B 131 6.84 -7.24 -19.03
C ALA B 131 5.91 -6.27 -18.31
N PRO B 132 5.31 -5.29 -19.01
CA PRO B 132 4.46 -4.30 -18.36
C PRO B 132 3.09 -4.93 -18.09
N LEU B 133 2.40 -4.41 -17.08
CA LEU B 133 0.97 -4.64 -16.77
C LEU B 133 0.15 -4.62 -18.05
N ARG B 134 -0.62 -5.67 -18.33
CA ARG B 134 -1.61 -5.72 -19.44
C ARG B 134 -3.02 -5.51 -18.86
N GLN B 135 -3.86 -4.76 -19.57
CA GLN B 135 -5.25 -4.50 -19.13
C GLN B 135 -6.25 -4.77 -20.26
N PHE B 136 -7.33 -5.49 -19.92
CA PHE B 136 -8.49 -5.77 -20.81
C PHE B 136 -9.69 -4.95 -20.35
N GLU B 137 -10.22 -4.13 -21.26
N GLU B 137 -10.18 -4.06 -21.22
CA GLU B 137 -11.38 -3.25 -21.01
CA GLU B 137 -11.38 -3.22 -20.96
C GLU B 137 -12.58 -3.82 -21.76
C GLU B 137 -12.57 -3.83 -21.72
N GLY B 138 -13.78 -3.67 -21.18
CA GLY B 138 -15.01 -4.23 -21.74
C GLY B 138 -16.11 -4.16 -20.70
N HIS B 139 -15.80 -4.58 -19.48
CA HIS B 139 -16.76 -4.53 -18.33
C HIS B 139 -16.97 -3.08 -17.90
N THR B 140 -18.18 -2.75 -17.47
CA THR B 140 -18.61 -1.37 -17.18
C THR B 140 -18.78 -1.15 -15.67
N LYS B 141 -18.67 -2.18 -14.83
CA LYS B 141 -18.66 -2.06 -13.35
C LYS B 141 -17.54 -2.95 -12.77
N ALA B 142 -17.34 -2.89 -11.47
CA ALA B 142 -16.25 -3.61 -10.78
C ALA B 142 -16.19 -5.07 -11.22
N VAL B 143 -14.99 -5.57 -11.51
CA VAL B 143 -14.76 -7.02 -11.82
C VAL B 143 -14.31 -7.74 -10.55
N HIS B 144 -15.18 -8.54 -9.92
CA HIS B 144 -14.85 -9.24 -8.67
C HIS B 144 -14.36 -10.67 -8.95
N THR B 145 -14.52 -11.19 -10.17
CA THR B 145 -14.10 -12.59 -10.49
C THR B 145 -13.33 -12.70 -11.81
N VAL B 146 -12.21 -13.39 -11.73
CA VAL B 146 -11.31 -13.71 -12.87
C VAL B 146 -10.73 -15.08 -12.60
N ASP B 147 -10.50 -15.84 -13.66
CA ASP B 147 -9.76 -17.11 -13.59
C ASP B 147 -9.09 -17.38 -14.93
N PHE B 148 -8.07 -18.23 -14.92
CA PHE B 148 -7.43 -18.77 -16.13
C PHE B 148 -8.17 -20.04 -16.54
N THR B 149 -8.42 -20.20 -17.83
CA THR B 149 -8.86 -21.47 -18.45
C THR B 149 -7.69 -22.47 -18.47
N ALA B 150 -8.00 -23.74 -18.67
CA ALA B 150 -7.05 -24.86 -18.55
C ALA B 150 -5.89 -24.73 -19.56
N ASP B 151 -6.09 -24.08 -20.71
CA ASP B 151 -5.08 -23.91 -21.79
C ASP B 151 -4.05 -22.85 -21.40
N LYS B 152 -4.35 -22.01 -20.38
CA LYS B 152 -3.48 -20.97 -19.76
C LYS B 152 -3.56 -19.64 -20.53
N TYR B 153 -4.18 -19.56 -21.70
CA TYR B 153 -4.13 -18.38 -22.59
C TYR B 153 -5.53 -17.76 -22.80
N HIS B 154 -6.49 -18.14 -21.95
CA HIS B 154 -7.77 -17.40 -21.85
C HIS B 154 -8.09 -17.08 -20.39
N VAL B 155 -8.92 -16.06 -20.20
CA VAL B 155 -9.45 -15.62 -18.89
C VAL B 155 -10.98 -15.59 -18.94
N VAL B 156 -11.59 -16.02 -17.85
CA VAL B 156 -13.04 -15.82 -17.55
C VAL B 156 -13.16 -14.71 -16.51
N SER B 157 -14.01 -13.73 -16.81
CA SER B 157 -14.33 -12.62 -15.88
C SER B 157 -15.84 -12.57 -15.67
N GLY B 158 -16.24 -12.11 -14.50
CA GLY B 158 -17.60 -11.74 -14.11
C GLY B 158 -17.55 -10.42 -13.38
N ALA B 159 -18.52 -9.54 -13.61
CA ALA B 159 -18.51 -8.18 -13.06
C ALA B 159 -19.86 -7.80 -12.45
N ASP B 160 -19.87 -6.62 -11.84
CA ASP B 160 -21.07 -6.01 -11.20
C ASP B 160 -21.98 -5.41 -12.27
N ASP B 161 -21.62 -5.52 -13.56
CA ASP B 161 -22.48 -5.19 -14.73
C ASP B 161 -23.31 -6.41 -15.15
N TYR B 162 -23.17 -7.52 -14.42
CA TYR B 162 -24.00 -8.76 -14.48
C TYR B 162 -23.48 -9.66 -15.61
N THR B 163 -22.41 -9.27 -16.30
CA THR B 163 -21.97 -9.98 -17.54
C THR B 163 -20.79 -10.88 -17.20
N VAL B 164 -20.63 -11.93 -18.00
CA VAL B 164 -19.49 -12.88 -17.97
C VAL B 164 -18.77 -12.75 -19.32
N LYS B 165 -17.44 -12.68 -19.31
CA LYS B 165 -16.64 -12.52 -20.55
C LYS B 165 -15.58 -13.61 -20.60
N LEU B 166 -15.33 -14.11 -21.82
CA LEU B 166 -14.16 -14.95 -22.17
C LEU B 166 -13.18 -14.08 -22.96
N TRP B 167 -11.94 -14.04 -22.49
CA TRP B 167 -10.86 -13.23 -23.08
C TRP B 167 -9.81 -14.13 -23.70
N ASP B 168 -9.35 -13.77 -24.90
CA ASP B 168 -8.18 -14.38 -25.55
C ASP B 168 -6.94 -13.55 -25.19
N ILE B 169 -6.00 -14.13 -24.45
CA ILE B 169 -4.79 -13.38 -24.00
C ILE B 169 -3.91 -13.07 -25.19
N PRO B 170 -3.47 -14.07 -26.00
CA PRO B 170 -2.56 -13.79 -27.11
C PRO B 170 -3.14 -12.80 -28.15
N ASN B 171 -4.46 -12.77 -28.36
CA ASN B 171 -5.11 -11.86 -29.33
C ASN B 171 -5.55 -10.57 -28.61
N SER B 172 -5.39 -10.50 -27.28
CA SER B 172 -5.59 -9.27 -26.46
C SER B 172 -7.02 -8.72 -26.64
N LYS B 173 -8.04 -9.55 -26.52
CA LYS B 173 -9.43 -9.13 -26.81
C LYS B 173 -10.45 -10.06 -26.16
N GLU B 174 -11.65 -9.55 -25.99
CA GLU B 174 -12.83 -10.35 -25.61
C GLU B 174 -13.23 -11.22 -26.81
N ILE B 175 -13.62 -12.46 -26.56
CA ILE B 175 -14.11 -13.35 -27.66
C ILE B 175 -15.58 -13.71 -27.44
N LEU B 176 -16.06 -13.75 -26.18
CA LEU B 176 -17.49 -14.08 -25.86
C LEU B 176 -17.95 -13.17 -24.72
N THR B 177 -19.20 -12.69 -24.76
CA THR B 177 -19.93 -12.13 -23.60
C THR B 177 -21.26 -12.87 -23.42
N PHE B 178 -21.61 -13.13 -22.16
CA PHE B 178 -22.89 -13.73 -21.72
C PHE B 178 -23.56 -12.74 -20.78
N LYS B 179 -24.80 -12.40 -21.10
CA LYS B 179 -25.66 -11.53 -20.25
C LYS B 179 -26.86 -12.38 -19.84
N GLU B 180 -26.66 -13.25 -18.86
CA GLU B 180 -27.71 -14.19 -18.38
C GLU B 180 -28.02 -13.94 -16.90
N HIS B 181 -27.01 -13.59 -16.09
CA HIS B 181 -27.19 -13.19 -14.68
C HIS B 181 -27.93 -11.84 -14.59
N SER B 182 -28.65 -11.62 -13.49
CA SER B 182 -29.50 -10.41 -13.27
C SER B 182 -29.04 -9.64 -12.02
N ASP B 183 -27.88 -10.01 -11.46
CA ASP B 183 -27.26 -9.30 -10.32
C ASP B 183 -25.74 -9.57 -10.42
N TYR B 184 -24.96 -8.93 -9.56
CA TYR B 184 -23.47 -8.96 -9.59
C TYR B 184 -22.98 -10.40 -9.74
N VAL B 185 -21.93 -10.60 -10.53
CA VAL B 185 -21.29 -11.94 -10.70
C VAL B 185 -20.02 -11.94 -9.83
N ARG B 186 -20.09 -12.51 -8.63
CA ARG B 186 -19.07 -12.25 -7.56
C ARG B 186 -18.11 -13.43 -7.43
N CYS B 187 -18.32 -14.54 -8.14
CA CYS B 187 -17.43 -15.71 -8.07
C CYS B 187 -17.52 -16.53 -9.38
N GLY B 188 -16.52 -17.37 -9.61
CA GLY B 188 -16.40 -18.16 -10.84
C GLY B 188 -15.19 -19.07 -10.76
N CYS B 189 -15.16 -20.04 -11.64
CA CYS B 189 -14.18 -21.17 -11.61
C CYS B 189 -14.08 -21.66 -13.06
N ALA B 190 -12.92 -21.64 -13.69
CA ALA B 190 -12.73 -22.37 -14.97
C ALA B 190 -12.45 -23.83 -14.61
N SER B 191 -12.89 -24.77 -15.45
CA SER B 191 -12.52 -26.19 -15.30
C SER B 191 -11.00 -26.28 -15.27
N LYS B 192 -10.48 -27.09 -14.35
CA LYS B 192 -9.07 -27.52 -14.25
C LYS B 192 -8.64 -28.28 -15.52
N LEU B 193 -9.56 -28.98 -16.20
CA LEU B 193 -9.18 -29.95 -17.27
C LEU B 193 -9.66 -29.51 -18.67
N ASN B 194 -10.79 -28.81 -18.78
CA ASN B 194 -11.51 -28.55 -20.06
C ASN B 194 -11.41 -27.06 -20.37
N PRO B 195 -10.62 -26.66 -21.40
CA PRO B 195 -10.47 -25.24 -21.76
C PRO B 195 -11.78 -24.53 -22.06
N ASP B 196 -12.83 -25.26 -22.44
CA ASP B 196 -14.12 -24.70 -22.91
C ASP B 196 -15.11 -24.47 -21.77
N LEU B 197 -14.89 -25.10 -20.61
CA LEU B 197 -15.89 -25.19 -19.52
C LEU B 197 -15.51 -24.27 -18.36
N PHE B 198 -16.47 -23.49 -17.87
CA PHE B 198 -16.28 -22.59 -16.71
C PHE B 198 -17.65 -22.30 -16.10
N ILE B 199 -17.67 -21.88 -14.84
CA ILE B 199 -18.92 -21.56 -14.10
C ILE B 199 -18.79 -20.19 -13.44
N THR B 200 -19.92 -19.53 -13.22
CA THR B 200 -20.01 -18.27 -12.46
C THR B 200 -21.15 -18.37 -11.46
N GLY B 201 -20.97 -17.75 -10.28
CA GLY B 201 -22.01 -17.56 -9.27
C GLY B 201 -22.43 -16.11 -9.18
N SER B 202 -23.70 -15.87 -8.93
CA SER B 202 -24.28 -14.52 -8.93
C SER B 202 -25.05 -14.24 -7.63
N TYR B 203 -25.13 -12.98 -7.24
CA TYR B 203 -26.08 -12.51 -6.20
C TYR B 203 -27.53 -12.73 -6.66
N ASP B 204 -27.76 -13.12 -7.92
CA ASP B 204 -29.12 -13.45 -8.44
C ASP B 204 -29.58 -14.82 -7.93
N HIS B 205 -28.78 -15.52 -7.12
CA HIS B 205 -29.07 -16.81 -6.44
C HIS B 205 -28.74 -17.99 -7.36
N THR B 206 -28.13 -17.76 -8.52
CA THR B 206 -27.88 -18.83 -9.52
C THR B 206 -26.39 -19.04 -9.73
N VAL B 207 -26.07 -20.27 -10.12
CA VAL B 207 -24.75 -20.65 -10.68
C VAL B 207 -25.02 -21.16 -12.09
N LYS B 208 -24.23 -20.65 -13.04
CA LYS B 208 -24.38 -20.97 -14.46
C LYS B 208 -23.11 -21.67 -14.93
N MET B 209 -23.29 -22.71 -15.74
CA MET B 209 -22.21 -23.46 -16.40
C MET B 209 -22.22 -23.08 -17.88
N PHE B 210 -21.06 -22.71 -18.41
CA PHE B 210 -20.86 -22.16 -19.78
C PHE B 210 -19.91 -23.08 -20.52
N ASP B 211 -20.22 -23.35 -21.80
CA ASP B 211 -19.32 -24.01 -22.77
C ASP B 211 -18.94 -22.98 -23.82
N ALA B 212 -17.66 -22.67 -23.97
CA ALA B 212 -17.11 -21.65 -24.90
C ALA B 212 -17.63 -21.88 -26.33
N ARG B 213 -18.03 -23.09 -26.68
CA ARG B 213 -18.46 -23.47 -28.06
C ARG B 213 -19.93 -23.10 -28.32
N THR B 214 -20.67 -22.65 -27.31
CA THR B 214 -22.10 -22.24 -27.47
C THR B 214 -22.29 -20.88 -26.81
N SER B 215 -23.23 -20.10 -27.34
CA SER B 215 -23.46 -18.68 -26.96
C SER B 215 -24.40 -18.58 -25.73
N GLU B 216 -25.03 -19.68 -25.31
CA GLU B 216 -25.93 -19.70 -24.11
C GLU B 216 -25.39 -20.71 -23.08
N SER B 217 -25.51 -20.41 -21.78
CA SER B 217 -25.21 -21.34 -20.66
C SER B 217 -25.83 -22.71 -20.93
N VAL B 218 -25.12 -23.77 -20.55
N VAL B 218 -25.13 -23.78 -20.55
CA VAL B 218 -25.55 -25.18 -20.77
CA VAL B 218 -25.58 -25.18 -20.78
C VAL B 218 -26.47 -25.61 -19.61
C VAL B 218 -26.45 -25.64 -19.61
N LEU B 219 -26.19 -25.16 -18.38
CA LEU B 219 -26.98 -25.50 -17.17
C LEU B 219 -26.98 -24.33 -16.20
N SER B 220 -27.99 -24.30 -15.34
CA SER B 220 -28.15 -23.29 -14.27
C SER B 220 -28.70 -24.02 -13.04
N VAL B 221 -28.16 -23.76 -11.86
CA VAL B 221 -28.67 -24.36 -10.60
C VAL B 221 -29.02 -23.19 -9.70
N GLU B 222 -30.10 -23.32 -8.93
CA GLU B 222 -30.60 -22.23 -8.05
C GLU B 222 -30.08 -22.49 -6.65
N HIS B 223 -28.98 -21.85 -6.24
CA HIS B 223 -28.45 -21.91 -4.85
C HIS B 223 -29.55 -21.46 -3.87
N GLY B 224 -30.28 -20.40 -4.22
CA GLY B 224 -31.44 -19.91 -3.47
C GLY B 224 -31.11 -18.78 -2.50
N GLN B 225 -29.83 -18.40 -2.41
CA GLN B 225 -29.33 -17.18 -1.75
C GLN B 225 -28.25 -16.59 -2.66
N PRO B 226 -27.84 -15.32 -2.43
CA PRO B 226 -26.76 -14.72 -3.23
C PRO B 226 -25.50 -15.59 -3.11
N VAL B 227 -24.90 -15.92 -4.26
CA VAL B 227 -23.74 -16.86 -4.31
C VAL B 227 -22.46 -16.07 -4.11
N GLU B 228 -21.68 -16.49 -3.10
CA GLU B 228 -20.42 -15.81 -2.68
C GLU B 228 -19.22 -16.58 -3.22
N SER B 229 -19.31 -17.92 -3.33
CA SER B 229 -18.20 -18.80 -3.74
C SER B 229 -18.74 -19.98 -4.56
N VAL B 230 -17.93 -20.45 -5.51
CA VAL B 230 -18.21 -21.71 -6.25
C VAL B 230 -16.90 -22.48 -6.42
N LEU B 231 -17.01 -23.80 -6.54
CA LEU B 231 -15.87 -24.69 -6.84
C LEU B 231 -16.37 -25.73 -7.84
N LEU B 232 -15.56 -26.02 -8.85
CA LEU B 232 -15.85 -27.06 -9.86
C LEU B 232 -14.81 -28.15 -9.65
N PHE B 233 -15.23 -29.37 -9.30
CA PHE B 233 -14.31 -30.53 -9.20
C PHE B 233 -13.63 -30.72 -10.54
N PRO B 234 -12.42 -31.30 -10.60
CA PRO B 234 -11.72 -31.43 -11.88
C PRO B 234 -12.53 -32.07 -13.01
N SER B 235 -13.40 -33.06 -12.73
CA SER B 235 -14.16 -33.81 -13.77
C SER B 235 -15.17 -32.89 -14.48
N GLY B 236 -15.48 -31.73 -13.91
CA GLY B 236 -16.61 -30.90 -14.38
C GLY B 236 -17.98 -31.45 -13.98
N GLY B 237 -18.04 -32.60 -13.30
CA GLY B 237 -19.30 -33.32 -13.04
C GLY B 237 -19.96 -32.91 -11.74
N LEU B 238 -19.20 -32.34 -10.80
CA LEU B 238 -19.73 -31.91 -9.49
C LEU B 238 -19.29 -30.46 -9.27
N LEU B 239 -20.17 -29.69 -8.65
CA LEU B 239 -20.06 -28.24 -8.46
C LEU B 239 -20.52 -27.97 -7.02
N VAL B 240 -19.78 -27.16 -6.27
N VAL B 240 -19.80 -27.09 -6.32
CA VAL B 240 -20.21 -26.70 -4.92
CA VAL B 240 -20.08 -26.66 -4.92
C VAL B 240 -20.54 -25.20 -5.02
C VAL B 240 -20.46 -25.17 -4.92
N SER B 241 -21.63 -24.79 -4.39
CA SER B 241 -22.06 -23.38 -4.29
C SER B 241 -22.16 -23.01 -2.81
N ALA B 242 -21.74 -21.79 -2.47
CA ALA B 242 -21.78 -21.27 -1.10
C ALA B 242 -22.41 -19.88 -1.13
N GLY B 243 -23.24 -19.59 -0.13
CA GLY B 243 -23.99 -18.32 -0.06
C GLY B 243 -25.12 -18.44 0.93
N GLY B 244 -25.52 -17.34 1.55
CA GLY B 244 -26.30 -17.43 2.80
C GLY B 244 -25.59 -18.40 3.74
N ARG B 245 -26.34 -19.19 4.50
CA ARG B 245 -25.79 -20.11 5.52
C ARG B 245 -25.50 -21.50 4.91
N TYR B 246 -25.60 -21.63 3.59
CA TYR B 246 -25.69 -22.95 2.90
C TYR B 246 -24.47 -23.18 2.02
N VAL B 247 -24.01 -24.42 2.05
CA VAL B 247 -23.11 -25.02 1.03
C VAL B 247 -23.89 -26.12 0.32
N LYS B 248 -23.95 -26.07 -1.00
CA LYS B 248 -24.72 -27.07 -1.79
C LYS B 248 -23.79 -27.71 -2.81
N VAL B 249 -24.01 -29.00 -3.04
CA VAL B 249 -23.19 -29.84 -3.95
C VAL B 249 -24.17 -30.39 -5.00
N TRP B 250 -23.83 -30.19 -6.27
CA TRP B 250 -24.72 -30.37 -7.45
C TRP B 250 -24.07 -31.35 -8.43
N ASP B 251 -24.83 -32.30 -8.95
CA ASP B 251 -24.30 -33.18 -10.03
C ASP B 251 -24.72 -32.57 -11.36
N MET B 252 -23.74 -32.00 -12.07
CA MET B 252 -23.96 -31.27 -13.35
C MET B 252 -24.03 -32.27 -14.52
N LEU B 253 -23.54 -33.49 -14.36
CA LEU B 253 -23.64 -34.50 -15.45
C LEU B 253 -25.07 -35.04 -15.45
N LYS B 254 -25.76 -34.97 -14.30
CA LYS B 254 -27.19 -35.36 -14.15
C LYS B 254 -28.10 -34.12 -14.19
N GLY B 255 -27.74 -33.10 -14.98
CA GLY B 255 -28.61 -31.92 -15.24
C GLY B 255 -28.64 -30.94 -14.08
N GLY B 256 -27.71 -31.03 -13.13
CA GLY B 256 -27.71 -30.19 -11.92
C GLY B 256 -28.65 -30.72 -10.86
N GLN B 257 -28.60 -32.03 -10.61
CA GLN B 257 -29.26 -32.65 -9.44
C GLN B 257 -28.58 -32.20 -8.13
N LEU B 258 -29.35 -31.71 -7.16
CA LEU B 258 -28.80 -31.39 -5.81
C LEU B 258 -28.44 -32.69 -5.11
N LEU B 259 -27.18 -32.88 -4.75
CA LEU B 259 -26.70 -34.06 -3.98
C LEU B 259 -26.86 -33.82 -2.48
N VAL B 260 -26.52 -32.63 -2.00
CA VAL B 260 -26.68 -32.33 -0.56
C VAL B 260 -26.71 -30.82 -0.32
N SER B 261 -27.39 -30.44 0.77
N SER B 261 -27.35 -30.42 0.79
CA SER B 261 -27.43 -29.08 1.35
CA SER B 261 -27.40 -29.04 1.32
C SER B 261 -26.84 -29.15 2.76
C SER B 261 -26.91 -29.05 2.78
N LEU B 262 -25.83 -28.32 3.06
CA LEU B 262 -25.13 -28.28 4.35
C LEU B 262 -25.35 -26.90 4.97
N LYS B 263 -25.83 -26.87 6.22
CA LYS B 263 -26.10 -25.62 6.97
C LYS B 263 -25.30 -25.67 8.28
N ASN B 264 -23.97 -25.59 8.20
CA ASN B 264 -23.06 -25.79 9.35
C ASN B 264 -22.45 -24.44 9.75
N HIS B 265 -22.84 -23.35 9.10
CA HIS B 265 -22.41 -21.98 9.47
C HIS B 265 -23.61 -21.17 9.99
N HIS B 266 -23.36 -20.23 10.90
CA HIS B 266 -24.39 -19.38 11.56
C HIS B 266 -24.53 -18.06 10.80
N LYS B 267 -23.61 -17.78 9.86
CA LYS B 267 -23.62 -16.55 9.03
C LYS B 267 -23.10 -16.85 7.63
N THR B 268 -23.12 -15.85 6.76
CA THR B 268 -22.81 -15.98 5.32
C THR B 268 -21.57 -16.87 5.15
N VAL B 269 -21.68 -17.85 4.27
CA VAL B 269 -20.50 -18.64 3.81
C VAL B 269 -19.85 -17.85 2.67
N THR B 270 -18.58 -17.49 2.84
CA THR B 270 -17.82 -16.54 1.99
C THR B 270 -16.82 -17.22 1.05
N CYS B 271 -16.35 -18.43 1.35
CA CYS B 271 -15.23 -19.07 0.63
C CYS B 271 -15.24 -20.60 0.75
N LEU B 272 -14.65 -21.22 -0.25
CA LEU B 272 -14.57 -22.68 -0.46
C LEU B 272 -13.16 -23.00 -0.90
N CYS B 273 -12.71 -24.17 -0.47
CA CYS B 273 -11.38 -24.72 -0.79
C CYS B 273 -11.44 -26.26 -0.79
N LEU B 274 -10.81 -26.92 -1.75
CA LEU B 274 -10.49 -28.37 -1.67
C LEU B 274 -9.14 -28.54 -0.99
N SER B 275 -8.96 -29.62 -0.24
CA SER B 275 -7.64 -29.97 0.33
C SER B 275 -6.75 -30.43 -0.82
N SER B 276 -5.43 -30.47 -0.61
CA SER B 276 -4.41 -30.89 -1.60
C SER B 276 -4.81 -32.22 -2.27
N SER B 277 -5.47 -33.13 -1.54
CA SER B 277 -5.85 -34.50 -1.96
C SER B 277 -7.14 -34.49 -2.81
N GLY B 278 -7.96 -33.43 -2.70
CA GLY B 278 -9.30 -33.40 -3.34
C GLY B 278 -10.34 -34.12 -2.51
N GLN B 279 -9.94 -34.70 -1.37
CA GLN B 279 -10.77 -35.65 -0.57
C GLN B 279 -11.57 -34.89 0.51
N ARG B 280 -11.21 -33.65 0.79
CA ARG B 280 -11.87 -32.81 1.81
C ARG B 280 -12.29 -31.48 1.17
N LEU B 281 -13.45 -31.00 1.56
CA LEU B 281 -13.98 -29.65 1.19
C LEU B 281 -13.89 -28.75 2.42
N LEU B 282 -13.42 -27.53 2.26
CA LEU B 282 -13.35 -26.54 3.38
C LEU B 282 -14.23 -25.32 3.03
N SER B 283 -15.05 -24.90 3.99
CA SER B 283 -15.88 -23.68 3.88
C SER B 283 -15.46 -22.71 4.98
N GLY B 284 -15.31 -21.44 4.64
CA GLY B 284 -15.10 -20.33 5.60
C GLY B 284 -16.29 -19.37 5.60
N SER B 285 -16.48 -18.60 6.67
CA SER B 285 -17.74 -17.88 6.99
C SER B 285 -17.50 -16.62 7.83
N LEU B 286 -18.45 -15.69 7.75
CA LEU B 286 -18.51 -14.49 8.62
C LEU B 286 -18.71 -14.93 10.08
N ASP B 287 -19.00 -16.20 10.32
CA ASP B 287 -19.22 -16.72 11.69
C ASP B 287 -17.89 -17.11 12.32
N ARG B 288 -16.76 -16.88 11.62
CA ARG B 288 -15.38 -17.01 12.14
C ARG B 288 -14.91 -18.47 12.15
N LYS B 289 -15.64 -19.37 11.50
CA LYS B 289 -15.30 -20.82 11.48
C LYS B 289 -14.96 -21.25 10.05
N VAL B 290 -14.03 -22.18 9.97
CA VAL B 290 -13.78 -23.00 8.75
C VAL B 290 -14.22 -24.42 9.09
N LYS B 291 -15.15 -24.96 8.32
CA LYS B 291 -15.63 -26.36 8.45
C LYS B 291 -14.92 -27.20 7.40
N VAL B 292 -14.58 -28.45 7.75
CA VAL B 292 -13.93 -29.41 6.82
C VAL B 292 -14.87 -30.58 6.67
N TYR B 293 -15.22 -30.96 5.44
CA TYR B 293 -16.20 -32.01 5.12
C TYR B 293 -15.52 -33.14 4.34
N SER B 294 -15.93 -34.38 4.55
CA SER B 294 -15.58 -35.53 3.65
C SER B 294 -16.33 -35.32 2.31
N THR B 295 -15.65 -35.43 1.18
CA THR B 295 -16.27 -35.30 -0.16
C THR B 295 -17.00 -36.60 -0.51
N THR B 296 -16.97 -37.61 0.36
CA THR B 296 -17.76 -38.85 0.17
C THR B 296 -19.09 -38.72 0.94
N SER B 297 -19.01 -38.42 2.24
CA SER B 297 -20.17 -38.40 3.17
C SER B 297 -20.76 -36.99 3.29
N TYR B 298 -19.94 -35.95 3.12
CA TYR B 298 -20.26 -34.52 3.37
C TYR B 298 -20.64 -34.32 4.86
N LYS B 299 -20.19 -35.22 5.73
CA LYS B 299 -20.15 -35.02 7.21
C LYS B 299 -19.00 -34.07 7.55
N VAL B 300 -19.20 -33.22 8.56
CA VAL B 300 -18.11 -32.35 9.11
C VAL B 300 -17.09 -33.23 9.85
N VAL B 301 -15.81 -33.17 9.47
CA VAL B 301 -14.75 -34.04 10.05
C VAL B 301 -13.77 -33.19 10.89
N HIS B 302 -13.77 -31.88 10.71
CA HIS B 302 -12.99 -30.93 11.56
C HIS B 302 -13.66 -29.55 11.50
N SER B 303 -13.43 -28.75 12.53
CA SER B 303 -13.87 -27.34 12.69
C SER B 303 -12.71 -26.53 13.29
N PHE B 304 -12.44 -25.35 12.71
CA PHE B 304 -11.43 -24.36 13.16
C PHE B 304 -12.16 -23.07 13.61
N ASP B 305 -11.62 -22.39 14.62
CA ASP B 305 -12.13 -21.09 15.16
C ASP B 305 -11.09 -19.98 14.90
N TYR B 306 -11.54 -18.86 14.31
CA TYR B 306 -10.69 -17.66 14.00
C TYR B 306 -11.26 -16.45 14.76
N ALA B 307 -10.51 -15.36 14.83
CA ALA B 307 -10.80 -14.21 15.72
C ALA B 307 -11.87 -13.30 15.11
N ALA B 308 -12.01 -13.31 13.79
CA ALA B 308 -12.88 -12.35 13.06
C ALA B 308 -13.51 -13.05 11.86
N SER B 309 -14.56 -12.44 11.31
CA SER B 309 -15.28 -12.89 10.10
C SER B 309 -14.29 -13.22 8.99
N ILE B 310 -14.43 -14.39 8.36
CA ILE B 310 -13.51 -14.92 7.32
C ILE B 310 -14.05 -14.52 5.94
N LEU B 311 -13.16 -13.98 5.08
CA LEU B 311 -13.49 -13.61 3.67
C LEU B 311 -12.76 -14.55 2.70
N SER B 312 -11.60 -15.06 3.10
CA SER B 312 -10.54 -15.68 2.26
C SER B 312 -10.00 -16.95 2.91
N LEU B 313 -9.71 -17.98 2.11
CA LEU B 313 -9.16 -19.29 2.57
C LEU B 313 -8.35 -19.91 1.44
N ALA B 314 -7.09 -20.27 1.70
CA ALA B 314 -6.21 -20.94 0.72
C ALA B 314 -5.29 -21.93 1.43
N LEU B 315 -5.10 -23.10 0.83
CA LEU B 315 -4.20 -24.18 1.29
C LEU B 315 -3.04 -24.27 0.29
N ALA B 316 -1.80 -24.33 0.79
CA ALA B 316 -0.59 -24.58 -0.01
C ALA B 316 -0.52 -26.05 -0.46
N HIS B 317 0.38 -26.34 -1.39
CA HIS B 317 0.85 -27.69 -1.78
C HIS B 317 0.87 -28.60 -0.56
N GLU B 318 0.17 -29.74 -0.63
CA GLU B 318 0.10 -30.82 0.39
C GLU B 318 -0.41 -30.27 1.73
N ASP B 319 -1.14 -29.16 1.70
CA ASP B 319 -1.78 -28.58 2.91
C ASP B 319 -0.69 -28.17 3.90
N GLU B 320 0.52 -27.83 3.42
CA GLU B 320 1.69 -27.48 4.29
C GLU B 320 1.45 -26.12 4.97
N THR B 321 0.61 -25.24 4.40
CA THR B 321 0.20 -23.92 4.98
C THR B 321 -1.31 -23.71 4.80
N ILE B 322 -2.00 -23.28 5.84
CA ILE B 322 -3.42 -22.82 5.75
C ILE B 322 -3.48 -21.32 6.03
N VAL B 323 -3.92 -20.53 5.04
CA VAL B 323 -4.03 -19.06 5.16
C VAL B 323 -5.52 -18.71 5.13
N VAL B 324 -5.92 -17.91 6.11
CA VAL B 324 -7.30 -17.35 6.28
C VAL B 324 -7.20 -15.84 6.30
N GLY B 325 -7.94 -15.16 5.42
CA GLY B 325 -8.06 -13.68 5.44
C GLY B 325 -9.35 -13.24 6.08
N MET B 326 -9.30 -12.26 7.00
CA MET B 326 -10.50 -11.82 7.75
C MET B 326 -10.85 -10.35 7.43
N THR B 327 -12.07 -9.95 7.81
CA THR B 327 -12.67 -8.63 7.52
C THR B 327 -11.89 -7.51 8.21
N ASN B 328 -11.17 -7.82 9.28
CA ASN B 328 -10.38 -6.82 10.08
C ASN B 328 -9.01 -6.57 9.44
N GLY B 329 -8.72 -7.17 8.28
CA GLY B 329 -7.43 -7.04 7.56
C GLY B 329 -6.33 -7.96 8.10
N ILE B 330 -6.65 -8.93 8.98
CA ILE B 330 -5.66 -9.89 9.53
C ILE B 330 -5.64 -11.14 8.64
N LEU B 331 -4.43 -11.56 8.29
CA LEU B 331 -4.12 -12.93 7.79
C LEU B 331 -3.70 -13.82 8.96
N SER B 332 -4.34 -14.97 9.11
CA SER B 332 -3.91 -16.05 10.02
C SER B 332 -3.23 -17.14 9.18
N VAL B 333 -1.93 -17.39 9.43
CA VAL B 333 -1.09 -18.38 8.70
C VAL B 333 -0.74 -19.53 9.67
N LYS B 334 -1.02 -20.75 9.24
CA LYS B 334 -0.80 -22.00 10.01
C LYS B 334 0.14 -22.90 9.21
N HIS B 335 1.30 -23.24 9.78
CA HIS B 335 2.31 -24.12 9.16
C HIS B 335 2.18 -25.52 9.74
N ARG B 336 2.17 -26.53 8.87
CA ARG B 336 2.05 -27.95 9.25
C ARG B 336 3.27 -28.29 10.11
N LYS B 337 3.08 -29.15 11.12
CA LYS B 337 4.18 -29.75 11.93
C LYS B 337 4.81 -30.89 11.12
#